data_9HQF
#
_entry.id   9HQF
#
_cell.length_a   33.131
_cell.length_b   85.389
_cell.length_c   116.315
_cell.angle_alpha   90.000
_cell.angle_beta   90.000
_cell.angle_gamma   90.000
#
_symmetry.space_group_name_H-M   'P 2 21 21'
#
loop_
_entity.id
_entity.type
_entity.pdbx_description
1 polymer 'NAD(+) hydrolase SARM1'
2 non-polymer '[[(2~{R},3~{S},4~{R},5~{R})-5-(6-aminopurin-9-yl)-3,4-bis(oxidanyl)oxolan-2-yl]methoxy-oxidanyl-phosphoryl] [(2~{R},3~{S},4~{R},5~{R})-5-[(5~{S})-5-[[(3~{R})-4,4-bis(fluoranyl)oxolan-3-yl]carbamoyl-methyl-amino]-2,3,4,5-tetrahydrooxepino[2,3-c]pyridin-8-yl]-3,4-bis(oxidanyl)oxolan-2-yl]methyl hydrogen phosphate'
3 water water
#
_entity_poly.entity_id   1
_entity_poly.type   'polypeptide(L)'
_entity_poly.pdbx_seq_one_letter_code
;GGSSGSGDTPDVFISYRRNSGSQLASLLKVHLQLHGFSVFIDVEKLEAGKFEDKLIQSVMGARNFVLVLSPGALDKCMQD
HDCKDWVHKEIVTALSCGKNIVPIIDGFEWPEPQVLPEDMQAVLTFNGIKWSHEYQEATIEKIIRFLQ
;
_entity_poly.pdbx_strand_id   A,B
#
# COMPACT_ATOMS: atom_id res chain seq x y z
N THR A 9 -19.27 -7.06 15.39
CA THR A 9 -19.43 -5.77 14.73
C THR A 9 -18.13 -4.96 14.76
N PRO A 10 -17.37 -4.99 13.66
CA PRO A 10 -16.20 -4.13 13.56
C PRO A 10 -16.59 -2.66 13.64
N ASP A 11 -15.68 -1.85 14.19
CA ASP A 11 -15.88 -0.41 14.29
C ASP A 11 -15.62 0.33 12.98
N VAL A 12 -14.83 -0.26 12.08
CA VAL A 12 -14.33 0.43 10.90
C VAL A 12 -14.53 -0.49 9.70
N PHE A 13 -15.16 0.04 8.65
CA PHE A 13 -15.26 -0.64 7.37
C PHE A 13 -14.36 0.09 6.39
N ILE A 14 -13.50 -0.64 5.70
CA ILE A 14 -12.61 -0.04 4.72
C ILE A 14 -13.11 -0.41 3.33
N SER A 15 -13.48 0.60 2.56
CA SER A 15 -13.90 0.44 1.18
C SER A 15 -12.80 0.96 0.26
N TYR A 16 -12.51 0.23 -0.80
CA TYR A 16 -11.37 0.54 -1.63
C TYR A 16 -11.53 -0.11 -3.00
N ARG A 17 -10.72 0.39 -3.94
CA ARG A 17 -10.66 -0.14 -5.30
C ARG A 17 -9.48 -1.11 -5.38
N ARG A 18 -9.74 -2.36 -5.79
CA ARG A 18 -8.66 -3.35 -5.79
C ARG A 18 -7.51 -2.93 -6.67
N ASN A 19 -7.80 -2.41 -7.86
CA ASN A 19 -6.74 -2.19 -8.83
C ASN A 19 -5.86 -0.99 -8.52
N SER A 20 -6.25 -0.12 -7.58
CA SER A 20 -5.39 1.02 -7.22
C SER A 20 -5.26 1.26 -5.72
N GLY A 21 -6.10 0.67 -4.87
CA GLY A 21 -6.00 0.98 -3.46
C GLY A 21 -5.78 -0.17 -2.50
N SER A 22 -5.45 -1.36 -3.02
N SER A 22 -5.44 -1.36 -3.00
CA SER A 22 -5.34 -2.55 -2.18
CA SER A 22 -5.36 -2.54 -2.14
C SER A 22 -4.26 -2.38 -1.12
C SER A 22 -4.24 -2.41 -1.12
N GLN A 23 -3.11 -1.83 -1.50
CA GLN A 23 -2.00 -1.74 -0.57
CA GLN A 23 -1.97 -1.72 -0.58
C GLN A 23 -2.27 -0.71 0.52
N LEU A 24 -2.79 0.46 0.16
CA LEU A 24 -3.11 1.45 1.18
C LEU A 24 -4.23 0.96 2.09
N ALA A 25 -5.25 0.29 1.53
CA ALA A 25 -6.32 -0.25 2.37
C ALA A 25 -5.78 -1.27 3.37
N SER A 26 -4.85 -2.14 2.95
CA SER A 26 -4.22 -3.07 3.90
C SER A 26 -3.36 -2.33 4.91
N LEU A 27 -2.66 -1.30 4.47
CA LEU A 27 -1.83 -0.53 5.40
C LEU A 27 -2.70 0.17 6.45
N LEU A 28 -3.80 0.79 6.02
CA LEU A 28 -4.74 1.36 6.99
C LEU A 28 -5.28 0.31 7.95
N LYS A 29 -5.58 -0.89 7.44
CA LYS A 29 -6.10 -1.94 8.31
C LYS A 29 -5.12 -2.27 9.43
N VAL A 30 -3.84 -2.47 9.06
CA VAL A 30 -2.82 -2.81 10.06
C VAL A 30 -2.72 -1.72 11.11
N HIS A 31 -2.59 -0.45 10.69
CA HIS A 31 -2.43 0.63 11.65
C HIS A 31 -3.63 0.78 12.57
N LEU A 32 -4.84 0.71 12.02
CA LEU A 32 -6.02 0.91 12.86
C LEU A 32 -6.15 -0.22 13.88
N GLN A 33 -5.85 -1.46 13.49
CA GLN A 33 -5.83 -2.54 14.45
C GLN A 33 -4.76 -2.33 15.52
N LEU A 34 -3.59 -1.82 15.12
CA LEU A 34 -2.53 -1.55 16.09
C LEU A 34 -2.97 -0.52 17.11
N HIS A 35 -3.88 0.36 16.73
CA HIS A 35 -4.40 1.39 17.63
C HIS A 35 -5.71 0.99 18.28
N GLY A 36 -6.10 -0.28 18.19
CA GLY A 36 -7.20 -0.79 18.98
C GLY A 36 -8.55 -0.80 18.31
N PHE A 37 -8.63 -0.53 17.01
CA PHE A 37 -9.89 -0.56 16.30
C PHE A 37 -10.12 -1.92 15.67
N SER A 38 -11.35 -2.43 15.80
N SER A 38 -11.36 -2.40 15.74
CA SER A 38 -11.77 -3.57 15.01
CA SER A 38 -11.76 -3.60 15.02
C SER A 38 -12.05 -3.10 13.60
C SER A 38 -12.15 -3.20 13.60
N VAL A 39 -11.47 -3.78 12.62
CA VAL A 39 -11.54 -3.34 11.22
C VAL A 39 -12.12 -4.45 10.37
N PHE A 40 -13.03 -4.07 9.47
CA PHE A 40 -13.50 -4.95 8.42
C PHE A 40 -12.81 -4.54 7.12
N ILE A 41 -12.09 -5.47 6.52
CA ILE A 41 -11.67 -5.33 5.14
C ILE A 41 -11.90 -6.70 4.52
N ASP A 42 -12.28 -6.70 3.24
CA ASP A 42 -12.81 -7.91 2.63
C ASP A 42 -11.81 -9.07 2.73
N VAL A 43 -10.53 -8.82 2.46
CA VAL A 43 -9.59 -9.95 2.39
C VAL A 43 -9.35 -10.58 3.74
N GLU A 44 -9.69 -9.91 4.83
CA GLU A 44 -9.52 -10.48 6.16
C GLU A 44 -10.82 -10.99 6.77
N LYS A 45 -11.95 -10.35 6.50
CA LYS A 45 -13.19 -10.62 7.23
C LYS A 45 -14.36 -11.09 6.39
N LEU A 46 -14.30 -10.99 5.06
CA LEU A 46 -15.42 -11.46 4.25
C LEU A 46 -15.27 -12.97 4.09
N GLU A 47 -16.18 -13.73 4.71
CA GLU A 47 -16.06 -15.17 4.72
C GLU A 47 -17.18 -15.83 3.91
N ALA A 48 -17.75 -16.94 4.40
CA ALA A 48 -18.64 -17.75 3.59
C ALA A 48 -20.01 -17.09 3.44
N GLY A 49 -20.66 -17.32 2.29
CA GLY A 49 -22.02 -16.91 2.04
C GLY A 49 -22.16 -16.04 0.80
N LYS A 50 -23.39 -15.59 0.56
CA LYS A 50 -23.65 -14.66 -0.53
C LYS A 50 -23.00 -13.31 -0.21
N PHE A 51 -21.99 -12.92 -1.00
CA PHE A 51 -21.13 -11.81 -0.60
C PHE A 51 -21.90 -10.49 -0.63
N GLU A 52 -22.91 -10.35 -1.49
CA GLU A 52 -23.62 -9.08 -1.54
C GLU A 52 -24.25 -8.77 -0.18
N ASP A 53 -24.92 -9.76 0.42
CA ASP A 53 -25.57 -9.52 1.69
C ASP A 53 -24.55 -9.29 2.80
N LYS A 54 -23.49 -10.08 2.82
CA LYS A 54 -22.48 -9.95 3.87
C LYS A 54 -21.77 -8.61 3.81
N LEU A 55 -21.41 -8.14 2.61
CA LEU A 55 -20.72 -6.85 2.52
C LEU A 55 -21.62 -5.73 2.98
N ILE A 56 -22.86 -5.70 2.48
CA ILE A 56 -23.80 -4.65 2.87
C ILE A 56 -24.03 -4.68 4.38
N GLN A 57 -24.26 -5.88 4.95
CA GLN A 57 -24.43 -6.02 6.39
CA GLN A 57 -24.47 -5.93 6.39
C GLN A 57 -23.22 -5.47 7.13
N SER A 58 -22.04 -5.70 6.58
CA SER A 58 -20.83 -5.27 7.25
C SER A 58 -20.69 -3.76 7.21
N VAL A 59 -21.11 -3.13 6.11
CA VAL A 59 -21.12 -1.66 6.08
C VAL A 59 -22.14 -1.13 7.08
N MET A 60 -23.34 -1.72 7.12
CA MET A 60 -24.37 -1.22 8.04
C MET A 60 -23.94 -1.39 9.49
N GLY A 61 -23.06 -2.35 9.76
CA GLY A 61 -22.66 -2.65 11.13
C GLY A 61 -21.54 -1.78 11.66
N ALA A 62 -20.77 -1.15 10.79
CA ALA A 62 -19.56 -0.43 11.19
C ALA A 62 -19.86 1.05 11.40
N ARG A 63 -19.48 1.57 12.56
CA ARG A 63 -19.75 2.99 12.86
C ARG A 63 -18.99 3.90 11.90
N ASN A 64 -17.76 3.54 11.56
CA ASN A 64 -16.88 4.36 10.74
C ASN A 64 -16.71 3.73 9.36
N PHE A 65 -16.73 4.57 8.33
CA PHE A 65 -16.62 4.10 6.94
C PHE A 65 -15.43 4.81 6.33
N VAL A 66 -14.31 4.09 6.21
CA VAL A 66 -13.08 4.66 5.67
C VAL A 66 -13.02 4.34 4.18
N LEU A 67 -12.99 5.37 3.36
CA LEU A 67 -13.07 5.23 1.91
C LEU A 67 -11.71 5.59 1.31
N VAL A 68 -11.04 4.60 0.72
CA VAL A 68 -9.71 4.84 0.16
C VAL A 68 -9.88 5.44 -1.22
N LEU A 69 -9.61 6.74 -1.35
CA LEU A 69 -9.68 7.43 -2.63
C LEU A 69 -8.27 7.44 -3.23
N SER A 70 -7.92 6.32 -3.85
CA SER A 70 -6.76 6.21 -4.72
C SER A 70 -7.06 6.92 -6.03
N PRO A 71 -6.07 7.11 -6.90
CA PRO A 71 -6.32 7.82 -8.16
C PRO A 71 -7.40 7.13 -8.99
N GLY A 72 -8.44 7.89 -9.33
CA GLY A 72 -9.52 7.34 -10.12
C GLY A 72 -10.42 6.37 -9.39
N ALA A 73 -10.41 6.37 -8.06
CA ALA A 73 -11.11 5.35 -7.30
C ALA A 73 -12.63 5.39 -7.51
N LEU A 74 -13.19 6.56 -7.81
CA LEU A 74 -14.63 6.70 -8.04
C LEU A 74 -15.00 6.66 -9.51
N ASP A 75 -14.04 6.33 -10.39
CA ASP A 75 -14.29 6.36 -11.83
C ASP A 75 -15.37 5.36 -12.24
N LYS A 76 -15.27 4.11 -11.77
CA LYS A 76 -16.28 3.12 -12.13
C LYS A 76 -17.62 3.37 -11.46
N CYS A 77 -17.69 4.29 -10.50
CA CYS A 77 -18.98 4.73 -9.98
C CYS A 77 -19.71 5.59 -10.97
N MET A 78 -18.99 6.24 -11.88
CA MET A 78 -19.59 7.24 -12.75
C MET A 78 -20.56 6.59 -13.73
N GLN A 79 -21.77 7.15 -13.79
CA GLN A 79 -22.83 6.67 -14.67
C GLN A 79 -23.21 5.21 -14.37
N ASP A 80 -22.98 4.79 -13.13
CA ASP A 80 -23.41 3.47 -12.67
C ASP A 80 -24.75 3.62 -11.94
N HIS A 81 -25.77 3.93 -12.73
CA HIS A 81 -27.06 4.28 -12.14
C HIS A 81 -27.86 3.06 -11.72
N ASP A 82 -27.51 1.87 -12.22
CA ASP A 82 -28.05 0.63 -11.69
C ASP A 82 -27.39 0.20 -10.39
N CYS A 83 -26.34 0.90 -9.96
CA CYS A 83 -25.63 0.60 -8.70
C CYS A 83 -25.02 -0.80 -8.74
N LYS A 84 -24.31 -1.10 -9.84
CA LYS A 84 -23.62 -2.38 -9.98
C LYS A 84 -22.21 -2.34 -9.42
N ASP A 85 -21.58 -1.16 -9.44
CA ASP A 85 -20.22 -1.05 -8.93
C ASP A 85 -20.22 -1.21 -7.41
N TRP A 86 -19.21 -1.93 -6.90
CA TRP A 86 -19.25 -2.32 -5.50
C TRP A 86 -18.82 -1.19 -4.57
N VAL A 87 -17.86 -0.38 -4.97
CA VAL A 87 -17.54 0.80 -4.18
C VAL A 87 -18.75 1.72 -4.12
N HIS A 88 -19.42 1.91 -5.26
CA HIS A 88 -20.66 2.67 -5.28
C HIS A 88 -21.68 2.11 -4.28
N LYS A 89 -21.87 0.78 -4.26
CA LYS A 89 -22.83 0.17 -3.34
C LYS A 89 -22.45 0.42 -1.88
N GLU A 90 -21.16 0.25 -1.56
CA GLU A 90 -20.73 0.46 -0.18
C GLU A 90 -20.91 1.90 0.24
N ILE A 91 -20.60 2.84 -0.67
CA ILE A 91 -20.74 4.27 -0.36
C ILE A 91 -22.21 4.62 -0.11
N VAL A 92 -23.11 4.13 -0.97
CA VAL A 92 -24.52 4.45 -0.79
C VAL A 92 -25.04 3.86 0.51
N THR A 93 -24.59 2.66 0.84
CA THR A 93 -24.98 2.07 2.12
C THR A 93 -24.50 2.94 3.28
N ALA A 94 -23.24 3.40 3.21
CA ALA A 94 -22.70 4.23 4.28
C ALA A 94 -23.44 5.55 4.39
N LEU A 95 -23.70 6.19 3.24
CA LEU A 95 -24.45 7.43 3.24
C LEU A 95 -25.86 7.22 3.80
N SER A 96 -26.55 6.17 3.35
N SER A 96 -26.55 6.17 3.37
CA SER A 96 -27.93 5.95 3.78
CA SER A 96 -27.95 6.00 3.78
C SER A 96 -28.01 5.70 5.28
C SER A 96 -28.07 5.56 5.23
N CYS A 97 -27.01 5.01 5.83
CA CYS A 97 -26.99 4.70 7.25
C CYS A 97 -26.39 5.82 8.10
N GLY A 98 -26.06 6.97 7.49
CA GLY A 98 -25.55 8.07 8.28
C GLY A 98 -24.24 7.76 8.97
N LYS A 99 -23.38 6.95 8.35
CA LYS A 99 -22.13 6.56 9.00
C LYS A 99 -21.15 7.72 9.04
N ASN A 100 -20.17 7.60 9.93
CA ASN A 100 -19.04 8.53 9.98
C ASN A 100 -18.11 8.24 8.80
N ILE A 101 -18.24 8.98 7.73
CA ILE A 101 -17.47 8.72 6.53
C ILE A 101 -16.14 9.48 6.59
N VAL A 102 -15.04 8.75 6.39
CA VAL A 102 -13.70 9.33 6.46
C VAL A 102 -12.98 8.98 5.16
N PRO A 103 -13.02 9.86 4.16
CA PRO A 103 -12.29 9.61 2.92
C PRO A 103 -10.79 9.84 3.13
N ILE A 104 -10.00 8.94 2.54
CA ILE A 104 -8.53 9.02 2.57
C ILE A 104 -8.06 9.28 1.15
N ILE A 105 -7.36 10.40 0.95
CA ILE A 105 -7.02 10.87 -0.38
C ILE A 105 -5.57 10.52 -0.65
N ASP A 106 -5.33 9.69 -1.69
CA ASP A 106 -3.99 9.29 -2.10
C ASP A 106 -3.87 9.59 -3.59
N GLY A 107 -3.53 10.83 -3.93
CA GLY A 107 -3.44 11.24 -5.32
C GLY A 107 -4.76 11.25 -6.05
N PHE A 108 -5.87 11.27 -5.31
CA PHE A 108 -7.19 11.37 -5.90
C PHE A 108 -7.51 12.83 -6.19
N GLU A 109 -8.21 13.07 -7.28
CA GLU A 109 -8.56 14.42 -7.68
C GLU A 109 -10.06 14.62 -7.54
N TRP A 110 -10.44 15.74 -6.95
CA TRP A 110 -11.82 15.97 -6.59
C TRP A 110 -12.65 16.28 -7.84
N PRO A 111 -13.66 15.47 -8.15
CA PRO A 111 -14.44 15.69 -9.37
C PRO A 111 -15.55 16.72 -9.15
N GLU A 112 -16.14 17.13 -10.26
CA GLU A 112 -17.39 17.86 -10.19
C GLU A 112 -18.47 16.93 -9.66
N PRO A 113 -19.18 17.30 -8.59
CA PRO A 113 -20.19 16.40 -8.00
C PRO A 113 -21.15 15.78 -9.00
N GLN A 114 -21.49 16.49 -10.08
CA GLN A 114 -22.47 15.94 -11.02
C GLN A 114 -21.92 14.80 -11.87
N VAL A 115 -20.62 14.52 -11.82
CA VAL A 115 -20.09 13.36 -12.51
C VAL A 115 -20.48 12.07 -11.81
N LEU A 116 -20.87 12.15 -10.53
CA LEU A 116 -21.24 11.03 -9.68
C LEU A 116 -22.75 10.82 -9.68
N PRO A 117 -23.20 9.57 -9.54
CA PRO A 117 -24.64 9.33 -9.42
C PRO A 117 -25.21 10.11 -8.25
N GLU A 118 -26.46 10.56 -8.41
CA GLU A 118 -27.04 11.45 -7.42
C GLU A 118 -27.04 10.82 -6.03
N ASP A 119 -27.08 9.51 -5.93
CA ASP A 119 -27.19 8.90 -4.60
C ASP A 119 -25.86 8.78 -3.87
N MET A 120 -24.75 9.23 -4.46
CA MET A 120 -23.46 9.22 -3.76
C MET A 120 -22.70 10.53 -3.87
N GLN A 121 -23.31 11.58 -4.45
CA GLN A 121 -22.64 12.87 -4.54
C GLN A 121 -22.25 13.41 -3.17
N ALA A 122 -23.03 13.08 -2.13
CA ALA A 122 -22.75 13.62 -0.81
C ALA A 122 -21.43 13.14 -0.21
N VAL A 123 -20.78 12.13 -0.80
CA VAL A 123 -19.53 11.64 -0.21
C VAL A 123 -18.44 12.72 -0.27
N LEU A 124 -18.55 13.64 -1.23
CA LEU A 124 -17.57 14.70 -1.37
C LEU A 124 -17.72 15.81 -0.34
N THR A 125 -18.81 15.84 0.42
CA THR A 125 -19.02 16.88 1.41
C THR A 125 -18.38 16.53 2.75
N PHE A 126 -17.81 15.34 2.87
CA PHE A 126 -17.14 14.92 4.09
C PHE A 126 -15.67 15.33 4.05
N ASN A 127 -15.17 15.79 5.19
CA ASN A 127 -13.78 16.21 5.28
C ASN A 127 -12.87 15.01 5.05
N GLY A 128 -11.95 15.12 4.09
CA GLY A 128 -11.05 14.03 3.73
C GLY A 128 -9.64 14.26 4.25
N ILE A 129 -8.93 13.16 4.50
CA ILE A 129 -7.56 13.22 5.01
C ILE A 129 -6.60 12.91 3.88
N LYS A 130 -5.55 13.72 3.74
CA LYS A 130 -4.53 13.49 2.73
C LYS A 130 -3.55 12.44 3.25
N TRP A 131 -3.35 11.37 2.48
CA TRP A 131 -2.34 10.39 2.83
C TRP A 131 -0.97 10.95 2.47
N SER A 132 -0.10 11.11 3.45
CA SER A 132 1.24 11.65 3.21
C SER A 132 2.28 10.54 3.33
N HIS A 133 2.95 10.23 2.22
CA HIS A 133 4.00 9.21 2.25
C HIS A 133 5.13 9.61 3.20
N GLU A 134 5.44 10.91 3.29
CA GLU A 134 6.57 11.31 4.12
C GLU A 134 6.20 11.48 5.58
N TYR A 135 4.91 11.62 5.90
CA TYR A 135 4.43 11.83 7.26
C TYR A 135 3.31 10.82 7.55
N GLN A 136 3.63 9.53 7.50
CA GLN A 136 2.59 8.53 7.61
C GLN A 136 2.07 8.42 9.03
N GLU A 137 2.97 8.51 10.02
CA GLU A 137 2.51 8.42 11.39
C GLU A 137 1.56 9.57 11.73
N ALA A 138 1.86 10.77 11.22
CA ALA A 138 0.97 11.91 11.43
C ALA A 138 -0.37 11.71 10.74
N THR A 139 -0.35 11.12 9.54
CA THR A 139 -1.59 10.79 8.86
C THR A 139 -2.43 9.82 9.66
N ILE A 140 -1.78 8.77 10.18
CA ILE A 140 -2.51 7.77 10.95
C ILE A 140 -3.11 8.39 12.21
N GLU A 141 -2.34 9.23 12.90
CA GLU A 141 -2.87 9.90 14.09
C GLU A 141 -4.07 10.76 13.74
N LYS A 142 -4.05 11.43 12.59
CA LYS A 142 -5.22 12.22 12.22
C LYS A 142 -6.42 11.32 11.92
N ILE A 143 -6.21 10.22 11.20
CA ILE A 143 -7.31 9.29 10.94
C ILE A 143 -7.94 8.84 12.24
N ILE A 144 -7.12 8.51 13.23
CA ILE A 144 -7.67 8.02 14.49
C ILE A 144 -8.47 9.11 15.17
N ARG A 145 -8.02 10.38 15.08
CA ARG A 145 -8.80 11.52 15.59
CA ARG A 145 -8.83 11.42 15.68
C ARG A 145 -10.19 11.56 14.98
N PHE A 146 -10.28 11.22 13.69
CA PHE A 146 -11.55 11.29 12.97
C PHE A 146 -12.51 10.17 13.34
N LEU A 147 -12.02 9.05 13.85
CA LEU A 147 -12.85 7.89 14.11
C LEU A 147 -13.59 8.02 15.44
N GLN A 148 -14.78 7.42 15.49
CA GLN A 148 -15.60 7.36 16.71
C GLN A 148 -15.52 6.00 17.39
N THR B 9 22.71 0.24 12.74
CA THR B 9 22.59 -0.60 11.55
C THR B 9 21.24 -1.29 11.49
N PRO B 10 20.34 -0.81 10.64
CA PRO B 10 19.14 -1.58 10.33
C PRO B 10 19.51 -2.89 9.63
N ASP B 11 18.71 -3.94 9.91
CA ASP B 11 18.90 -5.28 9.34
C ASP B 11 18.36 -5.41 7.92
N VAL B 12 17.43 -4.54 7.54
CA VAL B 12 16.71 -4.69 6.28
C VAL B 12 16.66 -3.32 5.62
N PHE B 13 17.01 -3.28 4.34
CA PHE B 13 16.85 -2.10 3.51
C PHE B 13 15.73 -2.36 2.50
N ILE B 14 14.75 -1.46 2.42
CA ILE B 14 13.67 -1.61 1.46
C ILE B 14 13.91 -0.64 0.30
N SER B 15 14.05 -1.20 -0.89
CA SER B 15 14.23 -0.42 -2.11
C SER B 15 12.95 -0.51 -2.94
N TYR B 16 12.48 0.62 -3.45
CA TYR B 16 11.15 0.63 -4.04
C TYR B 16 11.03 1.82 -4.98
N ARG B 17 10.02 1.77 -5.84
CA ARG B 17 9.72 2.83 -6.78
C ARG B 17 8.60 3.70 -6.20
N ARG B 18 8.85 5.02 -6.07
CA ARG B 18 7.90 5.90 -5.40
C ARG B 18 6.52 5.85 -6.04
N ASN B 19 6.45 5.85 -7.37
CA ASN B 19 5.16 6.04 -8.03
C ASN B 19 4.31 4.78 -8.04
N SER B 20 4.88 3.61 -7.79
CA SER B 20 4.10 2.38 -7.85
C SER B 20 4.25 1.46 -6.66
N GLY B 21 5.26 1.63 -5.82
CA GLY B 21 5.47 0.70 -4.73
C GLY B 21 5.55 1.33 -3.36
N SER B 22 5.21 2.63 -3.27
N SER B 22 5.19 2.62 -3.26
CA SER B 22 5.30 3.34 -2.00
CA SER B 22 5.35 3.31 -1.98
C SER B 22 4.48 2.66 -0.93
C SER B 22 4.46 2.71 -0.90
N GLN B 23 3.24 2.29 -1.26
CA GLN B 23 2.33 1.76 -0.24
CA GLN B 23 2.32 1.76 -0.26
C GLN B 23 2.76 0.37 0.19
N LEU B 24 3.13 -0.49 -0.75
CA LEU B 24 3.62 -1.81 -0.38
C LEU B 24 4.92 -1.70 0.43
N ALA B 25 5.82 -0.80 0.01
CA ALA B 25 7.06 -0.63 0.77
C ALA B 25 6.76 -0.26 2.20
N SER B 26 5.79 0.66 2.41
CA SER B 26 5.45 1.08 3.76
C SER B 26 4.82 -0.05 4.55
N LEU B 27 3.99 -0.87 3.90
CA LEU B 27 3.35 -2.01 4.55
C LEU B 27 4.37 -3.07 4.97
N LEU B 28 5.32 -3.37 4.09
CA LEU B 28 6.45 -4.24 4.46
C LEU B 28 7.20 -3.71 5.68
N LYS B 29 7.48 -2.40 5.70
CA LYS B 29 8.18 -1.81 6.85
C LYS B 29 7.44 -2.07 8.15
N VAL B 30 6.12 -1.78 8.17
CA VAL B 30 5.34 -1.96 9.40
C VAL B 30 5.40 -3.40 9.87
N HIS B 31 5.11 -4.34 8.96
CA HIS B 31 5.10 -5.75 9.33
C HIS B 31 6.47 -6.21 9.82
N LEU B 32 7.53 -5.89 9.08
CA LEU B 32 8.86 -6.32 9.48
C LEU B 32 9.23 -5.75 10.84
N GLN B 33 8.86 -4.49 11.09
CA GLN B 33 9.14 -3.88 12.39
C GLN B 33 8.37 -4.57 13.50
N LEU B 34 7.12 -4.98 13.21
CA LEU B 34 6.32 -5.67 14.21
C LEU B 34 6.93 -7.00 14.59
N HIS B 35 7.63 -7.65 13.67
CA HIS B 35 8.32 -8.90 13.94
C HIS B 35 9.75 -8.70 14.42
N GLY B 36 10.14 -7.49 14.77
CA GLY B 36 11.38 -7.26 15.47
C GLY B 36 12.56 -6.88 14.61
N PHE B 37 12.37 -6.66 13.33
CA PHE B 37 13.49 -6.27 12.48
C PHE B 37 13.65 -4.76 12.49
N SER B 38 14.90 -4.31 12.52
CA SER B 38 15.21 -2.91 12.28
CA SER B 38 15.22 -2.91 12.28
C SER B 38 15.22 -2.68 10.77
N VAL B 39 14.42 -1.72 10.31
CA VAL B 39 14.19 -1.56 8.89
C VAL B 39 14.63 -0.18 8.44
N PHE B 40 15.29 -0.13 7.28
CA PHE B 40 15.54 1.15 6.61
C PHE B 40 14.60 1.31 5.44
N ILE B 41 13.75 2.33 5.49
CA ILE B 41 13.10 2.87 4.31
C ILE B 41 13.32 4.39 4.35
N ASP B 42 13.48 4.99 3.17
CA ASP B 42 13.92 6.39 3.10
C ASP B 42 13.05 7.31 3.95
N VAL B 43 11.72 7.15 3.88
CA VAL B 43 10.83 8.14 4.50
C VAL B 43 10.90 8.09 6.02
N GLU B 44 11.42 7.01 6.61
CA GLU B 44 11.54 6.95 8.06
C GLU B 44 12.95 7.23 8.55
N LYS B 45 13.99 6.85 7.79
CA LYS B 45 15.35 6.86 8.31
C LYS B 45 16.36 7.67 7.53
N LEU B 46 16.05 8.11 6.30
CA LEU B 46 17.00 8.95 5.56
C LEU B 46 16.97 10.36 6.16
N GLU B 47 18.04 10.77 6.82
CA GLU B 47 17.96 12.08 7.46
C GLU B 47 18.92 13.08 6.85
N ALA B 48 19.59 13.89 7.66
CA ALA B 48 20.33 15.03 7.13
C ALA B 48 21.58 14.60 6.39
N GLY B 49 21.96 15.40 5.40
CA GLY B 49 23.23 15.27 4.70
C GLY B 49 23.04 15.00 3.23
N LYS B 50 24.17 14.74 2.56
CA LYS B 50 24.15 14.41 1.14
C LYS B 50 23.55 13.00 0.96
N PHE B 51 22.42 12.93 0.25
CA PHE B 51 21.61 11.71 0.33
C PHE B 51 22.24 10.56 -0.44
N GLU B 52 23.09 10.86 -1.42
CA GLU B 52 23.68 9.80 -2.23
C GLU B 52 24.56 8.89 -1.35
N ASP B 53 25.38 9.49 -0.50
CA ASP B 53 26.25 8.71 0.36
C ASP B 53 25.48 8.05 1.49
N LYS B 54 24.46 8.73 2.02
CA LYS B 54 23.66 8.16 3.10
C LYS B 54 22.89 6.94 2.61
N LEU B 55 22.28 7.03 1.43
CA LEU B 55 21.52 5.90 0.90
C LEU B 55 22.42 4.70 0.63
N ILE B 56 23.49 4.91 -0.12
CA ILE B 56 24.41 3.82 -0.46
C ILE B 56 24.95 3.16 0.81
N GLN B 57 25.34 3.98 1.79
CA GLN B 57 25.86 3.41 3.03
C GLN B 57 24.80 2.64 3.80
N SER B 58 23.53 3.08 3.71
CA SER B 58 22.46 2.36 4.39
C SER B 58 22.19 1.02 3.70
N VAL B 59 22.35 0.95 2.38
CA VAL B 59 22.30 -0.37 1.74
C VAL B 59 23.44 -1.24 2.24
N MET B 60 24.66 -0.67 2.35
CA MET B 60 25.80 -1.46 2.78
C MET B 60 25.65 -1.95 4.20
N GLY B 61 24.98 -1.17 5.05
CA GLY B 61 24.85 -1.55 6.45
C GLY B 61 23.84 -2.65 6.70
N ALA B 62 22.89 -2.86 5.80
CA ALA B 62 21.79 -3.81 6.02
C ALA B 62 22.14 -5.16 5.43
N ARG B 63 21.99 -6.21 6.24
CA ARG B 63 22.24 -7.56 5.74
C ARG B 63 21.25 -7.94 4.66
N ASN B 64 20.00 -7.54 4.80
CA ASN B 64 18.93 -7.94 3.91
C ASN B 64 18.53 -6.78 3.01
N PHE B 65 18.30 -7.07 1.73
CA PHE B 65 17.88 -6.08 0.74
C PHE B 65 16.55 -6.55 0.17
N VAL B 66 15.46 -5.88 0.59
CA VAL B 66 14.11 -6.21 0.16
C VAL B 66 13.75 -5.26 -0.97
N LEU B 67 13.51 -5.83 -2.14
CA LEU B 67 13.29 -5.06 -3.36
C LEU B 67 11.82 -5.17 -3.74
N VAL B 68 11.12 -4.04 -3.77
CA VAL B 68 9.70 -4.04 -4.11
C VAL B 68 9.55 -3.92 -5.62
N LEU B 69 9.18 -5.04 -6.25
CA LEU B 69 8.99 -5.11 -7.69
C LEU B 69 7.51 -4.95 -7.97
N SER B 70 7.08 -3.71 -7.95
CA SER B 70 5.77 -3.32 -8.42
C SER B 70 5.79 -3.28 -9.95
N PRO B 71 4.64 -3.10 -10.60
CA PRO B 71 4.63 -3.14 -12.06
C PRO B 71 5.53 -2.09 -12.67
N GLY B 72 6.42 -2.53 -13.56
CA GLY B 72 7.30 -1.59 -14.23
C GLY B 72 8.39 -0.99 -13.36
N ALA B 73 8.66 -1.59 -12.20
CA ALA B 73 9.57 -0.97 -11.24
C ALA B 73 11.01 -0.88 -11.75
N LEU B 74 11.43 -1.74 -12.68
CA LEU B 74 12.77 -1.68 -13.24
C LEU B 74 12.83 -0.94 -14.57
N ASP B 75 11.73 -0.32 -14.99
CA ASP B 75 11.68 0.37 -16.28
C ASP B 75 12.72 1.51 -16.34
N LYS B 76 12.78 2.35 -15.31
CA LYS B 76 13.72 3.46 -15.36
C LYS B 76 15.17 3.00 -15.27
N CYS B 77 15.41 1.75 -14.85
CA CYS B 77 16.76 1.21 -14.87
C CYS B 77 17.21 0.85 -16.28
N MET B 78 16.28 0.62 -17.19
CA MET B 78 16.63 0.20 -18.53
C MET B 78 17.38 1.32 -19.24
N GLN B 79 18.50 0.96 -19.86
CA GLN B 79 19.41 1.87 -20.55
C GLN B 79 20.03 2.89 -19.60
N ASP B 80 19.93 2.70 -18.29
CA ASP B 80 20.54 3.62 -17.33
C ASP B 80 21.98 3.20 -17.02
N HIS B 81 22.81 3.23 -18.06
CA HIS B 81 24.16 2.70 -17.92
C HIS B 81 25.08 3.61 -17.12
N ASP B 82 24.78 4.91 -17.03
CA ASP B 82 25.48 5.83 -16.14
C ASP B 82 25.08 5.67 -14.68
N CYS B 83 24.11 4.81 -14.38
CA CYS B 83 23.67 4.52 -13.01
C CYS B 83 23.15 5.78 -12.31
N LYS B 84 22.28 6.52 -13.01
CA LYS B 84 21.62 7.67 -12.44
C LYS B 84 20.32 7.30 -11.73
N ASP B 85 19.69 6.20 -12.12
CA ASP B 85 18.44 5.81 -11.47
C ASP B 85 18.71 5.25 -10.08
N TRP B 86 17.90 5.65 -9.10
CA TRP B 86 18.22 5.33 -7.72
C TRP B 86 17.90 3.87 -7.36
N VAL B 87 16.84 3.28 -7.93
CA VAL B 87 16.64 1.86 -7.69
C VAL B 87 17.78 1.07 -8.30
N HIS B 88 18.26 1.51 -9.47
CA HIS B 88 19.42 0.87 -10.08
C HIS B 88 20.64 0.96 -9.19
N LYS B 89 20.96 2.15 -8.67
CA LYS B 89 22.11 2.30 -7.78
C LYS B 89 21.98 1.38 -6.56
N GLU B 90 20.79 1.31 -5.98
CA GLU B 90 20.59 0.52 -4.77
C GLU B 90 20.77 -0.97 -5.06
N ILE B 91 20.24 -1.43 -6.19
CA ILE B 91 20.38 -2.84 -6.56
C ILE B 91 21.85 -3.18 -6.80
N VAL B 92 22.56 -2.34 -7.55
CA VAL B 92 23.97 -2.62 -7.84
C VAL B 92 24.78 -2.67 -6.55
N THR B 93 24.50 -1.73 -5.64
CA THR B 93 25.15 -1.77 -4.34
C THR B 93 24.87 -3.09 -3.63
N ALA B 94 23.59 -3.50 -3.60
CA ALA B 94 23.22 -4.75 -2.95
C ALA B 94 23.92 -5.94 -3.58
N LEU B 95 23.96 -5.99 -4.91
CA LEU B 95 24.59 -7.10 -5.60
C LEU B 95 26.09 -7.12 -5.36
N SER B 96 26.73 -5.94 -5.47
CA SER B 96 28.17 -5.80 -5.28
C SER B 96 28.58 -6.25 -3.88
N CYS B 97 27.76 -5.97 -2.88
CA CYS B 97 28.08 -6.30 -1.50
C CYS B 97 27.67 -7.70 -1.10
N GLY B 98 27.10 -8.49 -2.01
CA GLY B 98 26.68 -9.83 -1.67
C GLY B 98 25.54 -9.90 -0.69
N LYS B 99 24.63 -8.92 -0.71
CA LYS B 99 23.54 -8.92 0.24
C LYS B 99 22.59 -10.09 -0.02
N ASN B 100 21.84 -10.44 1.02
CA ASN B 100 20.68 -11.32 0.89
C ASN B 100 19.55 -10.53 0.24
N ILE B 101 19.36 -10.72 -1.05
CA ILE B 101 18.40 -9.94 -1.84
C ILE B 101 17.08 -10.71 -1.90
N VAL B 102 15.99 -10.06 -1.50
CA VAL B 102 14.70 -10.71 -1.47
C VAL B 102 13.72 -9.89 -2.30
N PRO B 103 13.55 -10.21 -3.58
CA PRO B 103 12.58 -9.47 -4.39
C PRO B 103 11.15 -9.82 -3.98
N ILE B 104 10.29 -8.80 -3.95
CA ILE B 104 8.85 -8.94 -3.66
C ILE B 104 8.09 -8.62 -4.94
N ILE B 105 7.34 -9.60 -5.43
CA ILE B 105 6.68 -9.52 -6.72
C ILE B 105 5.25 -9.04 -6.48
N ASP B 106 4.93 -7.85 -6.96
CA ASP B 106 3.57 -7.29 -6.87
C ASP B 106 3.12 -6.90 -8.28
N GLY B 107 2.69 -7.88 -9.07
CA GLY B 107 2.30 -7.59 -10.44
C GLY B 107 3.45 -7.29 -11.38
N PHE B 108 4.66 -7.66 -10.99
CA PHE B 108 5.84 -7.42 -11.81
C PHE B 108 5.95 -8.47 -12.91
N GLU B 109 6.28 -8.01 -14.11
CA GLU B 109 6.52 -8.88 -15.25
C GLU B 109 8.01 -9.15 -15.37
N TRP B 110 8.39 -10.42 -15.43
CA TRP B 110 9.81 -10.74 -15.48
C TRP B 110 10.38 -10.39 -16.85
N PRO B 111 11.38 -9.52 -16.94
CA PRO B 111 11.91 -9.11 -18.24
C PRO B 111 13.05 -10.00 -18.69
N GLU B 112 13.43 -9.84 -19.95
CA GLU B 112 14.64 -10.46 -20.44
C GLU B 112 15.85 -9.82 -19.75
N PRO B 113 16.84 -10.60 -19.35
CA PRO B 113 18.01 -10.00 -18.67
C PRO B 113 18.69 -8.94 -19.51
N GLN B 114 18.76 -9.12 -20.82
CA GLN B 114 19.51 -8.21 -21.68
C GLN B 114 18.85 -6.85 -21.87
N VAL B 115 17.69 -6.59 -21.27
CA VAL B 115 17.13 -5.24 -21.31
C VAL B 115 17.62 -4.40 -20.14
N LEU B 116 18.24 -5.02 -19.13
CA LEU B 116 18.80 -4.42 -17.92
C LEU B 116 20.30 -4.23 -18.07
N PRO B 117 20.85 -3.16 -17.50
CA PRO B 117 22.31 -2.97 -17.55
C PRO B 117 23.02 -4.15 -16.91
N GLU B 118 24.22 -4.45 -17.44
CA GLU B 118 24.93 -5.66 -17.06
C GLU B 118 25.14 -5.76 -15.55
N ASP B 119 25.41 -4.62 -14.89
CA ASP B 119 25.72 -4.65 -13.46
C ASP B 119 24.52 -4.96 -12.58
N MET B 120 23.30 -5.07 -13.12
CA MET B 120 22.16 -5.44 -12.29
C MET B 120 21.36 -6.63 -12.81
N GLN B 121 21.81 -7.30 -13.87
CA GLN B 121 21.05 -8.43 -14.40
C GLN B 121 20.94 -9.56 -13.38
N ALA B 122 21.92 -9.66 -12.47
CA ALA B 122 21.93 -10.75 -11.49
C ALA B 122 20.77 -10.71 -10.51
N VAL B 123 20.08 -9.57 -10.37
CA VAL B 123 18.97 -9.49 -9.41
C VAL B 123 17.88 -10.49 -9.76
N LEU B 124 17.72 -10.80 -11.06
CA LEU B 124 16.68 -11.72 -11.52
C LEU B 124 16.97 -13.18 -11.18
N THR B 125 18.17 -13.49 -10.71
CA THR B 125 18.54 -14.84 -10.34
C THR B 125 18.17 -15.16 -8.90
N PHE B 126 17.67 -14.20 -8.13
CA PHE B 126 17.30 -14.42 -6.75
C PHE B 126 15.84 -14.86 -6.66
N ASN B 127 15.56 -15.78 -5.75
CA ASN B 127 14.21 -16.29 -5.57
C ASN B 127 13.30 -15.18 -5.04
N GLY B 128 12.22 -14.88 -5.76
CA GLY B 128 11.31 -13.80 -5.40
C GLY B 128 10.04 -14.31 -4.76
N ILE B 129 9.42 -13.47 -3.94
CA ILE B 129 8.22 -13.79 -3.19
C ILE B 129 7.03 -13.07 -3.82
N LYS B 130 5.97 -13.80 -4.14
CA LYS B 130 4.79 -13.17 -4.68
C LYS B 130 3.99 -12.54 -3.55
N TRP B 131 3.68 -11.26 -3.68
CA TRP B 131 2.80 -10.59 -2.74
C TRP B 131 1.37 -11.02 -3.01
N SER B 132 0.72 -11.65 -2.03
CA SER B 132 -0.67 -12.08 -2.19
C SER B 132 -1.59 -11.17 -1.38
N HIS B 133 -2.44 -10.42 -2.09
CA HIS B 133 -3.41 -9.56 -1.39
C HIS B 133 -4.35 -10.39 -0.52
N GLU B 134 -4.72 -11.59 -0.98
CA GLU B 134 -5.67 -12.41 -0.23
C GLU B 134 -5.03 -13.20 0.90
N TYR B 135 -3.71 -13.47 0.82
CA TYR B 135 -2.98 -14.19 1.86
C TYR B 135 -1.76 -13.34 2.28
N GLN B 136 -2.01 -12.18 2.87
CA GLN B 136 -0.91 -11.28 3.25
C GLN B 136 -0.14 -11.80 4.46
N GLU B 137 -0.83 -12.36 5.46
CA GLU B 137 -0.09 -12.88 6.60
C GLU B 137 0.87 -13.97 6.17
N ALA B 138 0.44 -14.85 5.26
CA ALA B 138 1.33 -15.91 4.79
C ALA B 138 2.49 -15.35 3.98
N THR B 139 2.23 -14.29 3.20
CA THR B 139 3.32 -13.63 2.48
C THR B 139 4.34 -13.08 3.47
N ILE B 140 3.87 -12.33 4.46
CA ILE B 140 4.78 -11.77 5.46
C ILE B 140 5.57 -12.88 6.13
N GLU B 141 4.91 -13.98 6.49
CA GLU B 141 5.63 -15.02 7.21
C GLU B 141 6.73 -15.63 6.32
N LYS B 142 6.46 -15.74 5.01
CA LYS B 142 7.48 -16.22 4.08
C LYS B 142 8.65 -15.25 3.98
N ILE B 143 8.36 -13.95 3.84
CA ILE B 143 9.42 -12.94 3.80
C ILE B 143 10.33 -13.07 5.01
N ILE B 144 9.73 -13.24 6.19
CA ILE B 144 10.53 -13.34 7.41
C ILE B 144 11.43 -14.58 7.37
N ARG B 145 10.92 -15.69 6.82
CA ARG B 145 11.77 -16.87 6.66
C ARG B 145 12.95 -16.60 5.75
N PHE B 146 12.77 -15.75 4.74
CA PHE B 146 13.86 -15.43 3.82
C PHE B 146 14.90 -14.52 4.47
N LEU B 147 14.52 -13.72 5.46
CA LEU B 147 15.47 -12.78 6.06
C LEU B 147 16.50 -13.53 6.92
N GLN B 148 17.62 -12.85 7.19
CA GLN B 148 18.73 -13.43 7.95
C GLN B 148 19.06 -12.64 9.21
#